data_6QBG
#
_entry.id   6QBG
#
_cell.length_a   80.371
_cell.length_b   94.141
_cell.length_c   117.511
_cell.angle_alpha   90.000
_cell.angle_beta   90.000
_cell.angle_gamma   90.000
#
_symmetry.space_group_name_H-M   'C 2 2 21'
#
loop_
_entity.id
_entity.type
_entity.pdbx_description
1 polymer 'Cathepsin D'
2 polymer 'Cathepsin D'
3 branched 2-acetamido-2-deoxy-beta-D-glucopyranose-(1-4)-2-acetamido-2-deoxy-beta-D-glucopyranose
4 non-polymer (3~{S},7~{S},8~{S})-8-(naphthalen-2-ylmethyl)-7-oxidanyl-3-propan-2-yl-1,4,9-triazacyclohenicosane-2,5,10-trione
5 non-polymer 'DIMETHYL SULFOXIDE'
6 non-polymer 2-acetamido-2-deoxy-beta-D-glucopyranose
7 non-polymer 'SULFATE ION'
8 water water
#
loop_
_entity_poly.entity_id
_entity_poly.type
_entity_poly.pdbx_seq_one_letter_code
_entity_poly.pdbx_strand_id
1 'polypeptide(L)'
;GPIPEVLKNYMDAQYYGEIGIGTPPQCFTVVFDTGSSNLWVPSIHCKLLDIACWIHHKYNSDKSSTYVKNGTSFDIHYGS
GSLSGYLSQDTVSVPCQS
;
A
2 'polypeptide(L)'
;GVKVERQVFGEATKQPGITFIAAKFDGILGMAYPRISVNNVLPVFDNLMQQKLVDQNIFSFYLSRDPDAQPGGELMLGGT
DSKYYKGSLSYLNVTRKAYWQVHLDQVEVASGLTLCKEGCEAIVDTGTSLMVGPVDEVRELQKAIGAVPLIQGEYMIPCE
KVSTLPAITLKLGGKGYKLSPEDYTLKVSQAGKTLCLSGFMGMDIPPPSGPLWILGDVFIGRYYTVFDRDNNRVGFAEAA
R
;
B
#
loop_
_chem_comp.id
_chem_comp.type
_chem_comp.name
_chem_comp.formula
DMS non-polymer 'DIMETHYL SULFOXIDE' 'C2 H6 O S'
HVT non-polymer (3~{S},7~{S},8~{S})-8-(naphthalen-2-ylmethyl)-7-oxidanyl-3-propan-2-yl-1,4,9-triazacyclohenicosane-2,5,10-trione 'C32 H47 N3 O4'
NAG D-saccharide, beta linking 2-acetamido-2-deoxy-beta-D-glucopyranose 'C8 H15 N O6'
SO4 non-polymer 'SULFATE ION' 'O4 S -2'
#
# COMPACT_ATOMS: atom_id res chain seq x y z
N GLY A 1 4.81 -24.19 -1.30
CA GLY A 1 5.12 -23.22 -2.40
C GLY A 1 4.80 -21.77 -2.07
N PRO A 2 4.64 -20.92 -3.10
CA PRO A 2 4.02 -19.59 -2.94
C PRO A 2 2.67 -19.64 -2.22
N ILE A 3 2.40 -18.70 -1.34
CA ILE A 3 1.10 -18.62 -0.69
C ILE A 3 0.25 -17.47 -1.28
N PRO A 4 -0.90 -17.79 -1.92
CA PRO A 4 -1.79 -16.71 -2.35
C PRO A 4 -2.61 -16.10 -1.23
N GLU A 5 -2.65 -14.78 -1.21
CA GLU A 5 -3.51 -14.03 -0.28
C GLU A 5 -4.45 -13.16 -1.12
N VAL A 6 -5.68 -13.58 -1.28
CA VAL A 6 -6.62 -12.84 -2.08
C VAL A 6 -6.93 -11.53 -1.34
N LEU A 7 -7.23 -10.48 -2.10
CA LEU A 7 -7.53 -9.14 -1.59
C LEU A 7 -8.87 -8.69 -2.09
N LYS A 8 -9.56 -7.91 -1.27
CA LYS A 8 -10.71 -7.15 -1.70
C LYS A 8 -10.31 -5.78 -2.17
N ASN A 9 -11.13 -5.21 -3.05
CA ASN A 9 -10.94 -3.87 -3.56
C ASN A 9 -12.15 -3.06 -3.18
N TYR A 10 -11.97 -2.00 -2.41
CA TYR A 10 -13.05 -1.03 -2.22
C TYR A 10 -12.80 0.27 -2.96
N MET A 11 -13.59 0.50 -4.00
CA MET A 11 -13.63 1.80 -4.73
C MET A 11 -12.28 2.22 -5.35
N ASP A 12 -11.42 1.25 -5.67
CA ASP A 12 -10.08 1.47 -6.20
C ASP A 12 -9.21 2.31 -5.21
N ALA A 13 -9.61 2.39 -3.94
CA ALA A 13 -8.95 3.24 -2.95
C ALA A 13 -8.40 2.46 -1.70
N GLN A 14 -8.96 1.29 -1.40
CA GLN A 14 -8.55 0.49 -0.24
C GLN A 14 -8.49 -0.94 -0.66
N TYR A 15 -7.31 -1.57 -0.50
CA TYR A 15 -7.14 -3.00 -0.84
C TYR A 15 -6.64 -3.71 0.43
N TYR A 16 -7.27 -4.81 0.74
CA TYR A 16 -7.13 -5.45 2.03
C TYR A 16 -7.50 -6.91 1.98
N GLY A 17 -6.91 -7.66 2.90
CA GLY A 17 -7.12 -9.10 2.95
C GLY A 17 -7.10 -9.56 4.40
N GLU A 18 -7.51 -10.79 4.59
CA GLU A 18 -7.67 -11.38 5.94
C GLU A 18 -6.42 -12.06 6.41
N ILE A 19 -6.07 -11.82 7.68
CA ILE A 19 -4.98 -12.52 8.35
C ILE A 19 -5.59 -12.99 9.69
N GLY A 20 -4.89 -13.91 10.33
CA GLY A 20 -5.17 -14.38 11.69
C GLY A 20 -4.08 -13.96 12.65
N ILE A 21 -4.45 -13.59 13.89
CA ILE A 21 -3.46 -13.47 14.94
C ILE A 21 -3.96 -14.37 16.11
N GLY A 22 -3.08 -15.22 16.66
CA GLY A 22 -3.44 -16.04 17.79
C GLY A 22 -3.64 -17.52 17.50
N THR A 23 -3.76 -18.27 18.61
CA THR A 23 -4.19 -19.65 18.54
C THR A 23 -5.42 -19.88 19.46
N PRO A 24 -6.59 -20.27 18.91
CA PRO A 24 -6.85 -20.32 17.48
C PRO A 24 -6.82 -18.91 16.80
N PRO A 25 -6.78 -18.85 15.44
CA PRO A 25 -6.68 -17.49 14.85
C PRO A 25 -7.90 -16.59 15.07
N GLN A 26 -7.63 -15.35 15.48
CA GLN A 26 -8.61 -14.25 15.44
C GLN A 26 -8.40 -13.51 14.09
N CYS A 27 -9.45 -13.39 13.29
CA CYS A 27 -9.25 -12.80 11.97
C CYS A 27 -9.37 -11.26 12.00
N PHE A 28 -8.63 -10.64 11.07
CA PHE A 28 -8.55 -9.16 10.94
C PHE A 28 -8.33 -8.89 9.49
N THR A 29 -8.89 -7.78 9.01
CA THR A 29 -8.57 -7.30 7.68
C THR A 29 -7.42 -6.31 7.80
N VAL A 30 -6.44 -6.42 6.90
CA VAL A 30 -5.33 -5.49 6.89
C VAL A 30 -5.00 -5.02 5.49
N VAL A 31 -4.42 -3.82 5.42
CA VAL A 31 -3.70 -3.35 4.26
C VAL A 31 -2.28 -3.93 4.33
N PHE A 32 -1.86 -4.58 3.26
CA PHE A 32 -0.50 -5.06 3.10
C PHE A 32 0.22 -3.90 2.46
N ASP A 33 0.96 -3.17 3.30
CA ASP A 33 1.44 -1.83 3.03
C ASP A 33 2.95 -1.79 2.76
N THR A 34 3.38 -1.66 1.49
CA THR A 34 4.81 -1.59 1.18
C THR A 34 5.45 -0.24 1.58
N GLY A 35 4.68 0.72 2.07
CA GLY A 35 5.18 1.97 2.67
C GLY A 35 5.35 2.11 4.17
N SER A 36 5.22 1.00 4.90
CA SER A 36 5.51 0.95 6.33
C SER A 36 5.99 -0.48 6.68
N SER A 37 6.35 -0.68 7.97
CA SER A 37 6.97 -1.91 8.40
C SER A 37 6.43 -2.56 9.66
N ASN A 38 5.34 -2.05 10.20
CA ASN A 38 4.78 -2.53 11.44
C ASN A 38 3.47 -3.21 11.13
N LEU A 39 3.21 -4.29 11.85
CA LEU A 39 1.86 -4.82 11.98
C LEU A 39 1.13 -4.32 13.24
N TRP A 40 -0.11 -3.89 13.09
CA TRP A 40 -0.96 -3.64 14.22
C TRP A 40 -2.40 -3.89 13.87
N VAL A 41 -3.18 -4.16 14.91
CA VAL A 41 -4.61 -4.34 14.86
C VAL A 41 -5.20 -3.73 16.14
N PRO A 42 -6.52 -3.47 16.12
CA PRO A 42 -7.16 -2.86 17.29
C PRO A 42 -7.20 -3.87 18.47
N SER A 43 -7.01 -3.36 19.68
CA SER A 43 -7.06 -4.15 20.89
C SER A 43 -8.41 -4.09 21.51
N ILE A 44 -8.77 -5.21 22.14
CA ILE A 44 -9.94 -5.23 23.00
C ILE A 44 -9.81 -4.25 24.16
N HIS A 45 -8.60 -3.84 24.49
CA HIS A 45 -8.37 -2.85 25.53
C HIS A 45 -8.29 -1.43 24.99
N CYS A 46 -8.81 -1.19 23.78
CA CYS A 46 -8.76 0.16 23.23
C CYS A 46 -9.55 1.10 24.15
N LYS A 47 -9.17 2.38 24.16
CA LYS A 47 -9.92 3.37 24.96
C LYS A 47 -11.32 3.57 24.45
N LEU A 48 -12.21 3.94 25.37
CA LEU A 48 -13.59 4.31 25.02
C LEU A 48 -13.64 5.48 24.03
N LEU A 49 -12.70 6.42 24.10
CA LEU A 49 -12.55 7.52 23.12
C LEU A 49 -12.28 7.10 21.67
N ASP A 50 -11.73 5.91 21.48
CA ASP A 50 -11.37 5.40 20.15
C ASP A 50 -12.61 4.89 19.44
N ILE A 51 -13.27 5.81 18.70
CA ILE A 51 -14.51 5.46 17.97
C ILE A 51 -14.26 4.37 16.89
N ALA A 52 -13.14 4.45 16.22
CA ALA A 52 -12.83 3.46 15.16
C ALA A 52 -12.88 2.02 15.73
N CYS A 53 -12.48 1.87 16.98
CA CYS A 53 -12.40 0.55 17.67
C CYS A 53 -13.76 -0.09 17.83
N TRP A 54 -14.79 0.74 18.01
CA TRP A 54 -16.16 0.31 18.16
C TRP A 54 -16.68 -0.53 16.99
N ILE A 55 -16.23 -0.26 15.78
CA ILE A 55 -16.78 -0.95 14.60
C ILE A 55 -15.69 -1.71 13.81
N HIS A 56 -14.61 -2.13 14.48
CA HIS A 56 -13.57 -2.94 13.85
C HIS A 56 -13.28 -4.12 14.76
N HIS A 57 -12.59 -5.11 14.20
CA HIS A 57 -12.26 -6.32 14.99
C HIS A 57 -11.18 -6.01 15.99
N LYS A 58 -11.32 -6.62 17.18
CA LYS A 58 -10.44 -6.39 18.31
C LYS A 58 -9.71 -7.67 18.77
N TYR A 59 -8.40 -7.57 18.93
CA TYR A 59 -7.57 -8.69 19.36
C TYR A 59 -7.75 -8.83 20.87
N ASN A 60 -8.07 -10.04 21.29
CA ASN A 60 -8.20 -10.39 22.71
C ASN A 60 -7.11 -11.40 23.06
N SER A 61 -6.05 -10.94 23.73
CA SER A 61 -4.92 -11.82 24.08
C SER A 61 -5.28 -12.99 25.00
N ASP A 62 -6.30 -12.77 25.81
CA ASP A 62 -6.82 -13.80 26.73
C ASP A 62 -7.31 -15.04 26.03
N LYS A 63 -7.68 -14.95 24.76
CA LYS A 63 -8.20 -16.10 24.05
C LYS A 63 -7.13 -16.79 23.20
N SER A 64 -5.88 -16.37 23.32
CA SER A 64 -4.83 -16.98 22.50
C SER A 64 -3.86 -17.74 23.35
N SER A 65 -3.68 -19.01 23.07
CA SER A 65 -2.69 -19.84 23.78
C SER A 65 -1.25 -19.52 23.36
N THR A 66 -1.06 -18.79 22.25
CA THR A 66 0.33 -18.54 21.78
C THR A 66 0.80 -17.13 22.11
N TYR A 67 -0.11 -16.31 22.65
CA TYR A 67 0.23 -14.95 23.05
C TYR A 67 1.32 -14.93 24.09
N VAL A 68 2.24 -14.01 23.90
CA VAL A 68 3.30 -13.67 24.84
C VAL A 68 3.29 -12.16 25.03
N LYS A 69 3.18 -11.72 26.28
CA LYS A 69 3.13 -10.29 26.53
C LYS A 69 4.47 -9.60 26.25
N ASN A 70 4.37 -8.32 25.88
CA ASN A 70 5.48 -7.41 25.72
C ASN A 70 5.16 -6.15 26.53
N GLY A 71 4.20 -5.34 26.07
CA GLY A 71 3.67 -4.21 26.84
C GLY A 71 4.32 -2.86 26.55
N THR A 72 5.44 -2.86 25.82
CA THR A 72 6.09 -1.63 25.38
C THR A 72 5.14 -0.76 24.53
N SER A 73 5.06 0.50 24.91
CA SER A 73 4.19 1.43 24.24
C SER A 73 4.75 1.80 22.86
N PHE A 74 3.84 2.04 21.91
CA PHE A 74 4.23 2.41 20.55
C PHE A 74 3.33 3.53 20.04
N ASP A 75 3.90 4.36 19.17
CA ASP A 75 3.17 5.41 18.48
C ASP A 75 3.61 5.35 17.03
N ILE A 76 2.67 5.44 16.10
CA ILE A 76 3.02 5.41 14.67
C ILE A 76 2.28 6.55 14.03
N HIS A 77 2.98 7.28 13.17
CA HIS A 77 2.44 8.40 12.39
C HIS A 77 2.58 8.10 10.91
N TYR A 78 1.42 7.93 10.25
CA TYR A 78 1.37 7.78 8.81
C TYR A 78 0.93 9.11 8.19
N GLY A 79 1.10 9.23 6.89
CA GLY A 79 0.56 10.37 6.14
C GLY A 79 -0.91 10.58 6.34
N SER A 80 -1.67 9.49 6.45
CA SER A 80 -3.11 9.53 6.59
C SER A 80 -3.65 9.35 8.01
N GLY A 81 -2.78 9.32 9.01
CA GLY A 81 -3.25 9.27 10.37
C GLY A 81 -2.30 8.67 11.34
N SER A 82 -2.63 8.83 12.64
CA SER A 82 -1.83 8.34 13.75
C SER A 82 -2.55 7.42 14.68
N LEU A 83 -1.77 6.64 15.42
CA LEU A 83 -2.33 5.75 16.45
C LEU A 83 -1.27 5.37 17.45
N SER A 84 -1.71 4.88 18.60
CA SER A 84 -0.78 4.38 19.61
C SER A 84 -1.40 3.23 20.34
N GLY A 85 -0.56 2.53 21.08
CA GLY A 85 -0.97 1.42 21.91
C GLY A 85 0.22 0.74 22.50
N TYR A 86 0.16 -0.60 22.61
CA TYR A 86 1.23 -1.38 23.18
C TYR A 86 1.54 -2.64 22.35
N LEU A 87 2.78 -3.10 22.46
CA LEU A 87 3.23 -4.27 21.73
C LEU A 87 2.82 -5.55 22.40
N SER A 88 2.65 -6.58 21.57
CA SER A 88 2.41 -7.95 21.99
C SER A 88 3.11 -8.89 21.03
N GLN A 89 3.17 -10.18 21.37
CA GLN A 89 3.72 -11.23 20.48
C GLN A 89 2.71 -12.36 20.32
N ASP A 90 2.56 -12.81 19.07
CA ASP A 90 1.74 -13.98 18.76
C ASP A 90 2.08 -14.56 17.41
N THR A 91 1.41 -15.64 17.07
CA THR A 91 1.48 -16.26 15.75
C THR A 91 0.52 -15.55 14.77
N VAL A 92 1.09 -15.19 13.63
CA VAL A 92 0.33 -14.52 12.53
C VAL A 92 0.11 -15.52 11.39
N SER A 93 -1.16 -15.75 11.06
CA SER A 93 -1.55 -16.66 9.97
C SER A 93 -1.94 -15.83 8.72
N VAL A 94 -1.45 -16.26 7.55
CA VAL A 94 -1.79 -15.62 6.28
C VAL A 94 -2.09 -16.76 5.31
N PRO A 95 -3.30 -16.86 4.77
CA PRO A 95 -4.49 -16.12 5.20
C PRO A 95 -4.93 -16.47 6.62
N CYS A 96 -6.03 -15.87 7.10
CA CYS A 96 -6.58 -16.28 8.41
C CYS A 96 -6.84 -17.80 8.55
N GLN A 97 -7.49 -18.36 7.54
CA GLN A 97 -7.88 -19.76 7.53
C GLN A 97 -7.49 -20.28 6.13
N SER A 98 -6.55 -21.24 6.08
CA SER A 98 -6.10 -21.89 4.82
C SER A 98 -6.18 -23.41 4.91
N GLY B 1 -1.65 -22.08 3.33
CA GLY B 1 -1.33 -20.88 4.18
C GLY B 1 0.04 -20.93 4.84
N VAL B 2 0.33 -19.94 5.68
CA VAL B 2 1.60 -19.83 6.39
C VAL B 2 1.32 -19.29 7.81
N LYS B 3 2.08 -19.80 8.79
CA LYS B 3 2.05 -19.34 10.17
C LYS B 3 3.43 -18.81 10.51
N VAL B 4 3.48 -17.53 10.80
CA VAL B 4 4.71 -16.85 11.17
C VAL B 4 4.65 -16.79 12.69
N GLU B 5 5.60 -17.45 13.36
CA GLU B 5 5.57 -17.62 14.80
C GLU B 5 6.31 -16.43 15.37
N ARG B 6 6.00 -16.10 16.62
CA ARG B 6 6.79 -15.15 17.43
C ARG B 6 6.80 -13.73 16.81
N GLN B 7 5.67 -13.37 16.22
CA GLN B 7 5.53 -12.05 15.57
C GLN B 7 5.15 -10.98 16.61
N VAL B 8 6.01 -9.94 16.73
CA VAL B 8 5.71 -8.80 17.54
C VAL B 8 4.80 -7.83 16.74
N PHE B 9 3.72 -7.35 17.36
CA PHE B 9 2.78 -6.43 16.69
C PHE B 9 2.15 -5.46 17.67
N GLY B 10 1.50 -4.44 17.12
CA GLY B 10 0.79 -3.44 17.92
C GLY B 10 -0.65 -3.78 18.22
N GLU B 11 -1.01 -3.66 19.50
CA GLU B 11 -2.41 -3.67 19.93
C GLU B 11 -2.74 -2.20 20.02
N ALA B 12 -3.50 -1.67 19.06
CA ALA B 12 -3.88 -0.28 19.07
C ALA B 12 -4.93 0.04 20.14
N THR B 13 -4.66 1.07 20.95
CA THR B 13 -5.63 1.55 21.93
C THR B 13 -6.15 2.98 21.73
N LYS B 14 -5.46 3.78 20.92
CA LYS B 14 -5.90 5.15 20.58
C LYS B 14 -5.68 5.33 19.08
N GLN B 15 -6.68 5.95 18.44
CA GLN B 15 -6.66 6.30 17.03
C GLN B 15 -7.44 7.63 16.97
N PRO B 16 -6.73 8.73 17.25
CA PRO B 16 -7.35 10.02 17.29
C PRO B 16 -7.53 10.49 15.84
N GLY B 17 -8.33 11.49 15.60
CA GLY B 17 -8.66 11.78 14.19
C GLY B 17 -9.70 10.81 13.68
N ILE B 18 -10.05 10.96 12.42
CA ILE B 18 -11.22 10.35 11.83
C ILE B 18 -10.92 9.33 10.74
N THR B 19 -9.68 9.20 10.32
CA THR B 19 -9.43 8.45 9.11
C THR B 19 -9.58 6.92 9.27
N PHE B 20 -9.59 6.41 10.52
CA PHE B 20 -9.69 4.98 10.70
C PHE B 20 -11.15 4.56 10.88
N ILE B 21 -12.05 5.51 11.16
CA ILE B 21 -13.40 5.16 11.59
C ILE B 21 -14.15 4.35 10.53
N ALA B 22 -14.17 4.88 9.31
CA ALA B 22 -14.97 4.26 8.27
C ALA B 22 -14.09 3.48 7.29
N ALA B 23 -12.80 3.35 7.59
CA ALA B 23 -11.95 2.48 6.76
C ALA B 23 -12.39 1.04 6.79
N LYS B 24 -12.17 0.38 5.66
CA LYS B 24 -12.57 -1.01 5.48
C LYS B 24 -11.70 -1.99 6.21
N PHE B 25 -10.50 -1.58 6.59
CA PHE B 25 -9.52 -2.50 7.14
C PHE B 25 -9.49 -2.30 8.66
N ASP B 26 -9.18 -3.39 9.40
CA ASP B 26 -8.94 -3.28 10.87
C ASP B 26 -7.57 -2.70 11.23
N GLY B 27 -6.57 -3.02 10.41
CA GLY B 27 -5.19 -2.76 10.72
C GLY B 27 -4.28 -2.69 9.49
N ILE B 28 -2.98 -2.58 9.75
CA ILE B 28 -2.01 -2.46 8.68
C ILE B 28 -0.90 -3.48 8.95
N LEU B 29 -0.44 -4.12 7.88
CA LEU B 29 0.68 -5.03 7.88
C LEU B 29 1.73 -4.47 6.96
N GLY B 30 2.74 -3.85 7.55
CA GLY B 30 3.79 -3.23 6.83
C GLY B 30 4.77 -4.21 6.20
N MET B 31 5.12 -3.97 4.95
CA MET B 31 6.05 -4.86 4.19
C MET B 31 7.27 -4.13 3.62
N ALA B 32 7.67 -3.00 4.21
CA ALA B 32 8.89 -2.28 3.84
C ALA B 32 10.06 -2.82 4.63
N TYR B 33 11.20 -2.14 4.60
CA TYR B 33 12.39 -2.62 5.30
C TYR B 33 12.36 -2.34 6.83
N PRO B 34 13.17 -3.13 7.60
CA PRO B 34 13.22 -2.91 9.06
C PRO B 34 13.71 -1.52 9.43
N ARG B 35 14.52 -0.86 8.58
CA ARG B 35 14.96 0.50 8.87
C ARG B 35 13.82 1.47 9.31
N ILE B 36 12.58 1.29 8.81
CA ILE B 36 11.49 2.26 9.14
C ILE B 36 10.44 1.67 10.05
N SER B 37 10.79 0.56 10.71
CA SER B 37 9.92 -0.03 11.69
C SER B 37 10.03 0.73 13.02
N VAL B 38 8.87 1.21 13.46
CA VAL B 38 8.68 1.86 14.74
C VAL B 38 9.04 0.90 15.88
N ASN B 39 9.84 1.38 16.85
CA ASN B 39 10.40 0.52 17.92
C ASN B 39 11.34 -0.58 17.41
N ASN B 40 11.82 -0.51 16.16
CA ASN B 40 12.68 -1.55 15.62
C ASN B 40 12.05 -2.95 15.67
N VAL B 41 10.73 -3.04 15.52
CA VAL B 41 10.09 -4.35 15.57
C VAL B 41 10.36 -5.09 14.25
N LEU B 42 10.82 -6.33 14.34
CA LEU B 42 11.17 -7.13 13.16
C LEU B 42 9.87 -7.38 12.36
N PRO B 43 9.82 -6.93 11.09
CA PRO B 43 8.56 -7.07 10.33
C PRO B 43 8.15 -8.49 10.02
N VAL B 44 6.86 -8.65 9.73
CA VAL B 44 6.28 -9.95 9.37
C VAL B 44 7.05 -10.64 8.29
N PHE B 45 7.33 -9.96 7.19
CA PHE B 45 8.00 -10.64 6.12
C PHE B 45 9.44 -11.01 6.47
N ASP B 46 10.12 -10.21 7.28
CA ASP B 46 11.48 -10.54 7.71
C ASP B 46 11.49 -11.80 8.58
N ASN B 47 10.50 -11.86 9.46
CA ASN B 47 10.29 -12.99 10.37
C ASN B 47 9.94 -14.23 9.54
N LEU B 48 9.16 -14.02 8.48
CA LEU B 48 8.87 -15.10 7.52
C LEU B 48 10.14 -15.67 6.80
N MET B 49 11.00 -14.79 6.32
CA MET B 49 12.28 -15.18 5.69
C MET B 49 13.15 -15.93 6.71
N GLN B 50 13.25 -15.41 7.93
CA GLN B 50 14.11 -16.01 8.95
C GLN B 50 13.61 -17.41 9.31
N GLN B 51 12.29 -17.62 9.31
CA GLN B 51 11.68 -18.96 9.53
C GLN B 51 11.62 -19.86 8.29
N LYS B 52 12.14 -19.36 7.16
CA LYS B 52 12.27 -20.09 5.91
C LYS B 52 10.96 -20.69 5.47
N LEU B 53 9.92 -19.86 5.51
CA LEU B 53 8.60 -20.35 5.23
C LEU B 53 8.26 -20.21 3.77
N VAL B 54 9.13 -19.53 3.02
CA VAL B 54 9.08 -19.51 1.55
C VAL B 54 10.47 -19.77 0.98
N ASP B 55 10.52 -20.27 -0.27
CA ASP B 55 11.80 -20.52 -0.93
C ASP B 55 12.35 -19.28 -1.57
N GLN B 56 11.49 -18.46 -2.22
CA GLN B 56 11.93 -17.18 -2.77
CA GLN B 56 11.97 -17.21 -2.77
C GLN B 56 11.49 -16.04 -1.85
N ASN B 57 12.45 -15.22 -1.45
CA ASN B 57 12.15 -14.09 -0.58
C ASN B 57 11.65 -12.89 -1.41
N ILE B 58 10.52 -13.09 -2.07
CA ILE B 58 9.90 -12.03 -2.87
C ILE B 58 8.43 -12.11 -2.59
N PHE B 59 7.72 -11.06 -2.99
CA PHE B 59 6.29 -11.05 -2.84
C PHE B 59 5.71 -10.09 -3.87
N SER B 60 4.46 -10.34 -4.29
CA SER B 60 3.96 -9.69 -5.50
C SER B 60 2.52 -9.30 -5.33
N PHE B 61 2.15 -8.20 -5.96
CA PHE B 61 0.78 -7.64 -5.97
C PHE B 61 0.20 -7.50 -7.38
N TYR B 62 -0.99 -8.09 -7.52
CA TYR B 62 -1.98 -7.72 -8.51
C TYR B 62 -3.06 -6.92 -7.80
N LEU B 63 -3.43 -5.77 -8.34
CA LEU B 63 -4.54 -4.98 -7.84
C LEU B 63 -5.49 -4.70 -8.99
N SER B 64 -6.75 -5.11 -8.88
CA SER B 64 -7.74 -4.84 -9.92
CA SER B 64 -7.75 -4.83 -9.93
C SER B 64 -8.08 -3.36 -9.90
N ARG B 65 -8.29 -2.78 -11.08
CA ARG B 65 -8.66 -1.38 -11.21
C ARG B 65 -10.11 -1.13 -11.63
N ASP B 66 -10.88 -2.19 -11.81
CA ASP B 66 -12.33 -2.14 -11.90
C ASP B 66 -12.81 -2.42 -10.48
N PRO B 67 -13.46 -1.42 -9.83
CA PRO B 67 -13.83 -1.55 -8.43
C PRO B 67 -14.79 -2.67 -8.09
N ASP B 68 -15.52 -3.19 -9.08
CA ASP B 68 -16.48 -4.31 -8.86
C ASP B 68 -15.99 -5.69 -9.21
N ALA B 69 -14.73 -5.78 -9.63
CA ALA B 69 -14.13 -7.03 -10.04
C ALA B 69 -13.83 -7.97 -8.90
N GLN B 70 -13.92 -9.27 -9.21
CA GLN B 70 -13.61 -10.35 -8.26
C GLN B 70 -12.58 -11.26 -8.94
N PRO B 71 -11.41 -11.51 -8.35
CA PRO B 71 -10.96 -10.98 -7.05
C PRO B 71 -10.57 -9.49 -7.16
N GLY B 72 -10.61 -8.78 -6.02
CA GLY B 72 -10.11 -7.42 -5.94
C GLY B 72 -8.62 -7.27 -6.14
N GLY B 73 -7.86 -8.30 -5.79
CA GLY B 73 -6.45 -8.32 -6.10
C GLY B 73 -5.90 -9.56 -5.46
N GLU B 74 -4.58 -9.70 -5.53
CA GLU B 74 -3.88 -10.82 -4.90
C GLU B 74 -2.43 -10.41 -4.50
N LEU B 75 -2.07 -10.76 -3.28
CA LEU B 75 -0.71 -10.73 -2.79
C LEU B 75 -0.18 -12.18 -2.79
N MET B 76 0.86 -12.43 -3.57
CA MET B 76 1.52 -13.75 -3.57
C MET B 76 2.78 -13.64 -2.73
N LEU B 77 2.80 -14.33 -1.60
CA LEU B 77 3.97 -14.42 -0.77
C LEU B 77 4.89 -15.50 -1.32
N GLY B 78 6.13 -15.15 -1.54
CA GLY B 78 7.14 -16.10 -2.01
C GLY B 78 7.11 -16.46 -3.49
N GLY B 79 6.41 -15.70 -4.32
CA GLY B 79 6.34 -15.99 -5.76
C GLY B 79 5.73 -14.84 -6.50
N THR B 80 5.53 -15.05 -7.80
CA THR B 80 4.76 -14.17 -8.71
C THR B 80 3.62 -15.02 -9.23
N ASP B 81 2.56 -14.39 -9.72
CA ASP B 81 1.41 -15.11 -10.22
C ASP B 81 1.14 -14.75 -11.69
N SER B 82 1.51 -15.65 -12.61
CA SER B 82 1.28 -15.50 -14.06
C SER B 82 -0.16 -15.26 -14.52
N LYS B 83 -1.15 -15.66 -13.72
CA LYS B 83 -2.54 -15.31 -14.00
C LYS B 83 -2.75 -13.82 -14.27
N TYR B 84 -1.98 -13.00 -13.56
CA TYR B 84 -2.25 -11.61 -13.44
C TYR B 84 -1.33 -10.71 -14.21
N TYR B 85 -0.37 -11.26 -14.95
CA TYR B 85 0.43 -10.40 -15.78
C TYR B 85 0.82 -11.04 -17.10
N LYS B 86 1.11 -10.16 -18.05
CA LYS B 86 1.44 -10.51 -19.41
C LYS B 86 2.89 -10.04 -19.65
N GLY B 87 3.67 -10.91 -20.28
CA GLY B 87 4.99 -10.56 -20.76
C GLY B 87 5.99 -10.77 -19.67
N SER B 88 7.16 -10.14 -19.78
CA SER B 88 8.20 -10.36 -18.80
C SER B 88 8.40 -9.18 -17.89
N LEU B 89 9.04 -9.47 -16.78
CA LEU B 89 9.25 -8.50 -15.74
C LEU B 89 10.47 -7.67 -16.10
N SER B 90 10.41 -6.39 -15.73
CA SER B 90 11.57 -5.51 -15.85
C SER B 90 11.89 -4.97 -14.48
N TYR B 91 13.16 -4.95 -14.13
CA TYR B 91 13.58 -4.70 -12.73
C TYR B 91 14.32 -3.40 -12.56
N LEU B 92 14.24 -2.85 -11.35
CA LEU B 92 14.96 -1.64 -10.91
C LEU B 92 15.54 -1.94 -9.57
N ASN B 93 16.78 -1.52 -9.32
CA ASN B 93 17.33 -1.56 -8.00
C ASN B 93 16.67 -0.59 -7.00
N VAL B 94 16.55 -1.07 -5.78
CA VAL B 94 16.20 -0.25 -4.66
C VAL B 94 17.42 0.65 -4.43
N THR B 95 17.18 1.94 -4.21
CA THR B 95 18.24 2.95 -3.98
C THR B 95 18.48 3.27 -2.52
N ARG B 96 17.46 3.25 -1.68
CA ARG B 96 17.59 3.43 -0.22
C ARG B 96 16.67 2.36 0.35
N LYS B 97 17.25 1.40 1.09
CA LYS B 97 16.51 0.34 1.71
C LYS B 97 15.81 0.80 2.98
N ALA B 98 14.62 1.35 2.81
CA ALA B 98 13.85 1.82 3.95
C ALA B 98 12.38 1.69 3.57
N TYR B 99 11.89 2.61 2.77
CA TYR B 99 10.82 2.32 1.84
C TYR B 99 11.36 1.49 0.69
N TRP B 100 10.43 1.03 -0.14
CA TRP B 100 10.82 0.42 -1.42
C TRP B 100 11.03 1.55 -2.40
N GLN B 101 12.24 2.14 -2.31
CA GLN B 101 12.56 3.34 -3.03
C GLN B 101 13.37 3.05 -4.26
N VAL B 102 13.01 3.72 -5.36
CA VAL B 102 13.65 3.53 -6.69
C VAL B 102 13.93 4.87 -7.37
N HIS B 103 14.83 4.87 -8.35
CA HIS B 103 15.07 6.08 -9.15
C HIS B 103 14.02 6.19 -10.25
N LEU B 104 13.40 7.36 -10.33
CA LEU B 104 12.48 7.77 -11.36
C LEU B 104 13.20 8.72 -12.31
N ASP B 105 13.23 8.37 -13.59
CA ASP B 105 14.01 9.12 -14.61
C ASP B 105 13.27 10.40 -15.06
N GLN B 106 11.95 10.35 -15.10
CA GLN B 106 11.12 11.51 -15.47
C GLN B 106 9.68 11.17 -15.56
N VAL B 107 8.83 12.22 -15.57
CA VAL B 107 7.41 12.08 -15.72
C VAL B 107 7.02 12.99 -16.91
N GLU B 108 6.36 12.45 -17.92
CA GLU B 108 6.04 13.22 -19.14
C GLU B 108 4.55 13.20 -19.43
N VAL B 109 3.95 14.37 -19.49
CA VAL B 109 2.60 14.46 -19.98
C VAL B 109 2.70 14.46 -21.55
N ALA B 110 1.89 13.67 -22.26
CA ALA B 110 2.04 13.46 -23.74
C ALA B 110 2.01 14.76 -24.55
N SER B 111 1.28 15.76 -24.05
CA SER B 111 1.25 17.10 -24.67
C SER B 111 2.51 18.00 -24.39
N GLY B 112 3.46 17.51 -23.61
CA GLY B 112 4.82 18.01 -23.60
C GLY B 112 5.44 18.40 -22.26
N LEU B 113 4.60 18.63 -21.25
CA LEU B 113 5.09 18.94 -19.89
C LEU B 113 5.89 17.75 -19.33
N THR B 114 7.11 18.02 -18.89
CA THR B 114 7.97 17.06 -18.26
C THR B 114 8.27 17.48 -16.81
N LEU B 115 8.10 16.54 -15.88
CA LEU B 115 8.35 16.78 -14.47
C LEU B 115 9.45 15.82 -14.07
N CYS B 116 10.07 16.07 -12.94
CA CYS B 116 11.20 15.23 -12.54
C CYS B 116 12.22 15.20 -13.73
N LYS B 117 12.49 16.37 -14.34
CA LYS B 117 13.21 16.46 -15.63
C LYS B 117 14.59 15.81 -15.66
N GLU B 118 15.31 15.87 -14.53
CA GLU B 118 16.67 15.35 -14.41
C GLU B 118 16.72 14.14 -13.48
N GLY B 119 15.61 13.41 -13.36
CA GLY B 119 15.56 12.32 -12.42
C GLY B 119 15.24 12.72 -10.99
N CYS B 120 14.67 11.78 -10.27
CA CYS B 120 14.29 12.02 -8.88
C CYS B 120 14.11 10.64 -8.19
N GLU B 121 13.63 10.64 -6.95
CA GLU B 121 13.49 9.43 -6.14
C GLU B 121 11.99 9.20 -5.92
N ALA B 122 11.56 7.95 -5.98
CA ALA B 122 10.17 7.53 -5.79
C ALA B 122 10.11 6.32 -4.89
N ILE B 123 8.98 6.12 -4.22
CA ILE B 123 8.72 4.88 -3.52
C ILE B 123 7.51 4.18 -4.14
N VAL B 124 7.55 2.87 -4.04
CA VAL B 124 6.51 1.98 -4.61
C VAL B 124 5.71 1.55 -3.40
N ASP B 125 4.51 2.15 -3.24
CA ASP B 125 3.72 2.06 -2.05
C ASP B 125 2.27 1.57 -2.29
N THR B 126 2.05 0.30 -2.01
CA THR B 126 0.72 -0.29 -2.12
C THR B 126 -0.26 0.36 -1.18
N GLY B 127 0.21 0.97 -0.10
CA GLY B 127 -0.68 1.60 0.84
C GLY B 127 -1.05 3.03 0.54
N THR B 128 -0.65 3.57 -0.63
CA THR B 128 -1.10 4.85 -1.07
C THR B 128 -1.96 4.60 -2.32
N SER B 129 -3.19 5.13 -2.31
CA SER B 129 -4.12 4.89 -3.40
CA SER B 129 -4.14 4.91 -3.39
C SER B 129 -3.74 5.64 -4.68
N LEU B 130 -3.29 6.88 -4.54
CA LEU B 130 -2.96 7.79 -5.64
C LEU B 130 -1.45 7.88 -5.90
N MET B 131 -1.12 8.42 -7.07
CA MET B 131 0.23 8.84 -7.38
C MET B 131 0.42 10.11 -6.54
N VAL B 132 1.64 10.31 -6.06
CA VAL B 132 1.93 11.52 -5.27
C VAL B 132 3.21 12.11 -5.80
N GLY B 133 3.20 13.45 -5.95
CA GLY B 133 4.40 14.19 -6.33
C GLY B 133 4.44 15.52 -5.63
N PRO B 134 5.57 16.23 -5.77
CA PRO B 134 5.68 17.53 -5.11
C PRO B 134 4.58 18.51 -5.51
N VAL B 135 4.12 19.31 -4.55
CA VAL B 135 2.99 20.21 -4.73
C VAL B 135 3.11 21.05 -6.01
N ASP B 136 4.26 21.69 -6.19
CA ASP B 136 4.43 22.59 -7.31
C ASP B 136 4.40 21.89 -8.66
N GLU B 137 5.05 20.73 -8.77
CA GLU B 137 5.07 19.95 -10.02
C GLU B 137 3.71 19.33 -10.32
N VAL B 138 3.03 18.84 -9.30
CA VAL B 138 1.65 18.34 -9.50
C VAL B 138 0.68 19.45 -9.95
N ARG B 139 0.84 20.65 -9.43
CA ARG B 139 0.00 21.79 -9.81
C ARG B 139 0.13 22.04 -11.33
N GLU B 140 1.37 22.00 -11.84
CA GLU B 140 1.61 22.20 -13.27
C GLU B 140 0.94 21.04 -14.04
N LEU B 141 1.12 19.82 -13.54
CA LEU B 141 0.53 18.62 -14.15
C LEU B 141 -0.98 18.75 -14.31
N GLN B 142 -1.61 19.21 -13.26
CA GLN B 142 -3.05 19.26 -13.21
C GLN B 142 -3.58 20.34 -14.15
N LYS B 143 -2.81 21.41 -14.28
CA LYS B 143 -3.11 22.51 -15.21
C LYS B 143 -3.00 22.01 -16.66
N ALA B 144 -2.02 21.17 -16.97
CA ALA B 144 -1.85 20.64 -18.30
C ALA B 144 -3.02 19.73 -18.71
N ILE B 145 -3.62 19.02 -17.76
CA ILE B 145 -4.75 18.15 -18.10
C ILE B 145 -6.14 18.75 -17.84
N GLY B 146 -6.20 19.97 -17.29
CA GLY B 146 -7.49 20.64 -17.06
C GLY B 146 -8.22 20.22 -15.79
N ALA B 147 -7.49 19.66 -14.82
CA ALA B 147 -8.09 19.32 -13.52
C ALA B 147 -8.16 20.57 -12.64
N VAL B 148 -8.98 20.57 -11.61
CA VAL B 148 -9.10 21.72 -10.71
C VAL B 148 -8.96 21.26 -9.30
N PRO B 149 -8.45 22.13 -8.42
CA PRO B 149 -8.17 21.70 -7.07
C PRO B 149 -9.43 21.43 -6.26
N LEU B 150 -9.30 20.44 -5.39
CA LEU B 150 -10.36 20.05 -4.47
C LEU B 150 -9.94 20.48 -3.08
N ILE B 151 -9.12 19.65 -2.40
CA ILE B 151 -8.69 19.90 -1.03
C ILE B 151 -7.50 18.96 -0.78
N GLN B 152 -6.63 19.33 0.17
CA GLN B 152 -5.44 18.56 0.60
C GLN B 152 -4.62 17.89 -0.54
N GLY B 153 -4.32 18.72 -1.53
CA GLY B 153 -3.54 18.35 -2.69
C GLY B 153 -4.25 17.48 -3.72
N GLU B 154 -5.55 17.26 -3.57
CA GLU B 154 -6.34 16.50 -4.55
C GLU B 154 -6.98 17.43 -5.58
N TYR B 155 -7.29 16.84 -6.71
CA TYR B 155 -7.83 17.56 -7.87
C TYR B 155 -8.86 16.70 -8.54
N MET B 156 -9.89 17.35 -9.09
CA MET B 156 -10.97 16.66 -9.84
C MET B 156 -10.96 17.07 -11.30
N ILE B 157 -11.49 16.17 -12.15
CA ILE B 157 -11.57 16.36 -13.62
C ILE B 157 -12.98 16.11 -14.06
N PRO B 158 -13.57 17.03 -14.86
CA PRO B 158 -14.94 16.67 -15.31
C PRO B 158 -15.01 15.30 -15.99
N CYS B 159 -15.94 14.42 -15.60
CA CYS B 159 -15.88 13.02 -16.11
C CYS B 159 -15.97 12.94 -17.64
N GLU B 160 -16.71 13.86 -18.22
CA GLU B 160 -16.91 13.88 -19.66
C GLU B 160 -15.62 14.29 -20.44
N LYS B 161 -14.68 14.92 -19.74
CA LYS B 161 -13.36 15.25 -20.26
C LYS B 161 -12.32 14.12 -20.26
N VAL B 162 -12.51 13.10 -19.44
CA VAL B 162 -11.48 12.09 -19.21
C VAL B 162 -10.93 11.43 -20.47
N SER B 163 -11.86 10.98 -21.32
CA SER B 163 -11.49 10.18 -22.48
C SER B 163 -10.60 10.92 -23.46
N THR B 164 -10.55 12.25 -23.38
CA THR B 164 -9.73 13.05 -24.26
C THR B 164 -8.50 13.66 -23.61
N LEU B 165 -8.13 13.20 -22.42
CA LEU B 165 -6.93 13.69 -21.75
C LEU B 165 -5.71 13.09 -22.35
N PRO B 166 -4.56 13.75 -22.13
CA PRO B 166 -3.33 13.16 -22.60
C PRO B 166 -2.89 12.00 -21.70
N ALA B 167 -2.20 11.02 -22.30
CA ALA B 167 -1.46 10.00 -21.55
C ALA B 167 -0.29 10.60 -20.73
N ILE B 168 0.06 9.96 -19.62
CA ILE B 168 1.17 10.35 -18.80
C ILE B 168 2.04 9.11 -18.68
N THR B 169 3.33 9.30 -18.95
CA THR B 169 4.30 8.22 -18.95
C THR B 169 5.41 8.48 -17.92
N LEU B 170 5.60 7.54 -17.01
CA LEU B 170 6.73 7.58 -16.09
C LEU B 170 7.88 6.80 -16.70
N LYS B 171 9.07 7.35 -16.60
CA LYS B 171 10.28 6.64 -17.09
C LYS B 171 11.10 6.04 -15.98
N LEU B 172 11.21 4.73 -16.01
CA LEU B 172 11.83 3.97 -14.92
C LEU B 172 12.78 2.92 -15.52
N GLY B 173 14.06 2.95 -15.15
CA GLY B 173 15.05 1.98 -15.73
C GLY B 173 15.21 2.19 -17.22
N GLY B 174 15.00 3.42 -17.67
CA GLY B 174 15.01 3.75 -19.09
C GLY B 174 13.84 3.28 -19.93
N LYS B 175 12.83 2.65 -19.32
CA LYS B 175 11.61 2.23 -20.03
C LYS B 175 10.44 3.10 -19.63
N GLY B 176 9.54 3.30 -20.58
CA GLY B 176 8.37 4.15 -20.42
C GLY B 176 7.24 3.30 -19.89
N TYR B 177 6.54 3.79 -18.87
CA TYR B 177 5.38 3.13 -18.25
C TYR B 177 4.22 4.11 -18.43
N LYS B 178 3.44 3.85 -19.46
CA LYS B 178 2.32 4.69 -19.88
C LYS B 178 1.12 4.51 -18.95
N LEU B 179 0.48 5.61 -18.62
CA LEU B 179 -0.82 5.56 -17.97
C LEU B 179 -1.81 6.33 -18.85
N SER B 180 -2.85 5.65 -19.26
CA SER B 180 -3.93 6.26 -19.96
C SER B 180 -4.75 7.05 -18.95
N PRO B 181 -5.58 7.99 -19.43
CA PRO B 181 -6.45 8.75 -18.52
C PRO B 181 -7.37 7.89 -17.69
N GLU B 182 -7.81 6.78 -18.28
CA GLU B 182 -8.63 5.80 -17.57
C GLU B 182 -7.78 5.18 -16.47
N ASP B 183 -6.49 4.94 -16.74
CA ASP B 183 -5.56 4.43 -15.66
C ASP B 183 -5.35 5.41 -14.52
N TYR B 184 -5.20 6.70 -14.85
CA TYR B 184 -4.79 7.73 -13.86
C TYR B 184 -5.90 8.56 -13.28
N THR B 185 -7.14 8.22 -13.60
CA THR B 185 -8.29 8.85 -12.98
C THR B 185 -9.16 7.77 -12.35
N LEU B 186 -9.91 8.17 -11.33
CA LEU B 186 -10.72 7.24 -10.53
C LEU B 186 -12.11 7.74 -10.40
N LYS B 187 -13.10 6.84 -10.49
CA LYS B 187 -14.46 7.18 -10.05
C LYS B 187 -14.53 7.28 -8.52
N VAL B 188 -15.22 8.31 -8.05
CA VAL B 188 -15.56 8.47 -6.65
C VAL B 188 -17.06 8.74 -6.56
N SER B 189 -17.61 8.42 -5.41
CA SER B 189 -19.05 8.39 -5.18
C SER B 189 -19.31 8.80 -3.77
N GLN B 190 -20.28 9.68 -3.57
CA GLN B 190 -20.82 9.98 -2.24
C GLN B 190 -22.27 10.45 -2.38
N ALA B 191 -23.18 9.89 -1.57
CA ALA B 191 -24.55 10.39 -1.49
C ALA B 191 -25.23 10.45 -2.86
N GLY B 192 -25.03 9.39 -3.65
CA GLY B 192 -25.67 9.27 -4.95
C GLY B 192 -25.00 10.02 -6.11
N LYS B 193 -23.95 10.79 -5.83
CA LYS B 193 -23.23 11.57 -6.87
C LYS B 193 -21.99 10.75 -7.32
N THR B 194 -21.61 10.87 -8.59
CA THR B 194 -20.37 10.28 -9.09
C THR B 194 -19.51 11.38 -9.68
N LEU B 195 -18.21 11.34 -9.37
CA LEU B 195 -17.26 12.28 -9.91
C LEU B 195 -15.98 11.55 -10.26
N CYS B 196 -15.07 12.28 -10.93
CA CYS B 196 -13.77 11.76 -11.45
C CYS B 196 -12.62 12.49 -10.76
N LEU B 197 -11.92 11.73 -9.94
CA LEU B 197 -10.78 12.24 -9.19
C LEU B 197 -9.50 12.04 -10.02
N SER B 198 -8.66 13.08 -10.08
CA SER B 198 -7.33 12.97 -10.68
C SER B 198 -6.51 12.05 -9.81
N GLY B 199 -5.80 11.15 -10.46
CA GLY B 199 -4.98 10.18 -9.75
C GLY B 199 -3.64 10.63 -9.29
N PHE B 200 -3.33 11.91 -9.42
CA PHE B 200 -2.12 12.52 -8.90
C PHE B 200 -2.52 13.48 -7.81
N MET B 201 -1.88 13.37 -6.65
CA MET B 201 -2.09 14.28 -5.50
C MET B 201 -0.80 15.02 -5.23
N GLY B 202 -0.90 16.27 -4.85
CA GLY B 202 0.28 17.09 -4.51
C GLY B 202 0.57 17.01 -3.00
N MET B 203 1.77 16.56 -2.63
CA MET B 203 2.19 16.58 -1.24
C MET B 203 3.70 16.71 -1.15
N ASP B 204 4.16 17.66 -0.36
CA ASP B 204 5.60 17.83 -0.12
C ASP B 204 6.04 16.96 1.06
N ILE B 205 6.92 16.01 0.82
CA ILE B 205 7.49 15.15 1.91
C ILE B 205 8.86 15.80 2.21
N PRO B 206 9.00 16.37 3.40
CA PRO B 206 10.25 17.06 3.71
C PRO B 206 11.53 16.18 3.85
N PRO B 207 12.71 16.79 3.68
CA PRO B 207 13.93 16.08 4.02
C PRO B 207 13.89 15.67 5.47
N PRO B 208 14.64 14.64 5.88
CA PRO B 208 15.63 13.93 5.05
C PRO B 208 15.05 12.82 4.17
N SER B 209 13.83 12.38 4.42
CA SER B 209 13.20 11.31 3.59
C SER B 209 12.84 11.76 2.17
N GLY B 210 12.29 12.97 2.12
CA GLY B 210 11.87 13.58 0.90
C GLY B 210 12.89 14.53 0.29
N PRO B 211 12.55 15.10 -0.88
CA PRO B 211 11.28 14.82 -1.58
C PRO B 211 11.21 13.44 -2.21
N LEU B 212 10.00 12.92 -2.34
CA LEU B 212 9.72 11.64 -2.97
C LEU B 212 8.42 11.69 -3.76
N TRP B 213 8.46 11.12 -4.96
CA TRP B 213 7.22 10.74 -5.63
C TRP B 213 6.75 9.42 -5.06
N ILE B 214 5.45 9.14 -5.19
CA ILE B 214 4.90 7.85 -4.82
C ILE B 214 4.19 7.21 -6.00
N LEU B 215 4.62 5.99 -6.32
CA LEU B 215 3.92 5.09 -7.22
C LEU B 215 2.93 4.29 -6.40
N GLY B 216 1.67 4.72 -6.42
CA GLY B 216 0.62 4.16 -5.62
C GLY B 216 -0.16 3.11 -6.41
N ASP B 217 -1.36 2.86 -5.93
CA ASP B 217 -2.28 1.83 -6.51
C ASP B 217 -2.66 2.13 -7.97
N VAL B 218 -2.76 3.40 -8.33
CA VAL B 218 -2.89 3.80 -9.74
C VAL B 218 -1.83 3.13 -10.62
N PHE B 219 -0.59 3.13 -10.15
CA PHE B 219 0.51 2.57 -10.96
C PHE B 219 0.54 1.05 -10.90
N ILE B 220 0.46 0.54 -9.68
CA ILE B 220 0.57 -0.87 -9.38
C ILE B 220 -0.60 -1.62 -10.02
N GLY B 221 -1.76 -0.98 -10.10
CA GLY B 221 -2.89 -1.57 -10.77
C GLY B 221 -2.64 -1.85 -12.25
N ARG B 222 -1.96 -0.93 -12.93
CA ARG B 222 -1.63 -1.12 -14.33
C ARG B 222 -0.40 -2.05 -14.46
N TYR B 223 0.53 -2.00 -13.51
CA TYR B 223 1.77 -2.77 -13.64
C TYR B 223 1.98 -3.62 -12.41
N TYR B 224 1.66 -4.89 -12.58
CA TYR B 224 1.89 -5.94 -11.59
C TYR B 224 3.30 -5.78 -11.04
N THR B 225 3.44 -5.81 -9.71
CA THR B 225 4.67 -5.41 -9.05
C THR B 225 5.21 -6.51 -8.20
N VAL B 226 6.50 -6.78 -8.38
CA VAL B 226 7.24 -7.73 -7.60
C VAL B 226 8.24 -7.02 -6.66
N PHE B 227 8.19 -7.35 -5.36
CA PHE B 227 9.11 -6.81 -4.35
C PHE B 227 10.07 -7.92 -3.93
N ASP B 228 11.36 -7.75 -4.21
CA ASP B 228 12.37 -8.81 -4.10
C ASP B 228 13.40 -8.41 -3.06
N ARG B 229 13.31 -9.06 -1.91
CA ARG B 229 14.26 -8.85 -0.79
C ARG B 229 15.60 -9.66 -0.96
N ASP B 230 15.60 -10.72 -1.76
CA ASP B 230 16.85 -11.43 -2.11
C ASP B 230 17.79 -10.51 -2.87
N ASN B 231 17.28 -9.71 -3.81
CA ASN B 231 18.11 -8.91 -4.71
C ASN B 231 17.89 -7.41 -4.57
N ASN B 232 17.04 -7.00 -3.62
CA ASN B 232 16.75 -5.59 -3.33
C ASN B 232 16.42 -4.86 -4.60
N ARG B 233 15.36 -5.35 -5.25
CA ARG B 233 14.88 -4.78 -6.48
C ARG B 233 13.38 -4.85 -6.55
N VAL B 234 12.85 -4.01 -7.43
CA VAL B 234 11.43 -3.99 -7.72
C VAL B 234 11.22 -4.38 -9.18
N GLY B 235 10.27 -5.30 -9.43
CA GLY B 235 9.89 -5.65 -10.80
C GLY B 235 8.49 -5.23 -11.21
N PHE B 236 8.34 -4.86 -12.48
CA PHE B 236 7.03 -4.48 -13.07
C PHE B 236 6.78 -5.25 -14.35
N ALA B 237 5.54 -5.71 -14.54
CA ALA B 237 5.10 -6.29 -15.80
C ALA B 237 3.72 -5.71 -16.05
N GLU B 238 3.31 -5.63 -17.31
CA GLU B 238 1.95 -5.20 -17.56
C GLU B 238 0.90 -6.19 -16.94
N ALA B 239 -0.04 -5.66 -16.17
CA ALA B 239 -1.05 -6.44 -15.55
C ALA B 239 -2.12 -6.88 -16.54
N ALA B 240 -2.81 -7.96 -16.20
CA ALA B 240 -3.92 -8.49 -17.02
C ALA B 240 -4.97 -7.38 -17.31
N ARG B 241 -5.29 -7.13 -18.58
CA ARG B 241 -6.06 -5.93 -19.03
C ARG B 241 -7.06 -6.19 -20.14
C1 NAG C . 9.35 -6.29 23.23
C2 NAG C . 10.34 -6.88 24.26
C3 NAG C . 11.77 -6.59 23.85
C4 NAG C . 12.05 -7.17 22.47
C5 NAG C . 11.04 -6.51 21.51
C6 NAG C . 11.18 -6.96 20.06
C7 NAG C . 9.49 -6.83 26.60
C8 NAG C . 9.46 -5.96 27.85
N2 NAG C . 10.15 -6.30 25.58
O3 NAG C . 12.69 -7.19 24.76
O4 NAG C . 13.43 -6.93 22.16
O5 NAG C . 9.73 -6.84 21.97
O6 NAG C . 10.33 -6.19 19.26
O7 NAG C . 8.95 -7.91 26.55
C1 NAG C . 14.09 -7.95 21.38
C2 NAG C . 15.35 -7.30 20.77
C3 NAG C . 16.23 -8.41 20.16
C4 NAG C . 16.69 -9.39 21.26
C5 NAG C . 15.46 -10.05 21.92
C6 NAG C . 15.87 -10.76 23.23
C7 NAG C . 14.72 -4.98 20.09
C8 NAG C . 14.69 -4.01 18.94
N2 NAG C . 15.16 -6.21 19.81
O3 NAG C . 17.39 -7.87 19.51
O4 NAG C . 17.66 -10.36 20.76
O5 NAG C . 14.34 -9.15 22.19
O6 NAG C . 15.40 -10.07 24.40
O7 NAG C . 14.31 -4.61 21.17
CAN HVT D . -2.87 4.26 4.53
CAO HVT D . -4.03 4.78 5.19
CBF HVT D . -5.17 5.09 4.49
CBG HVT D . -6.28 5.55 5.20
CBH HVT D . -6.29 5.71 6.60
CBI HVT D . -5.15 5.41 7.29
CAP HVT D . -4.05 4.97 6.56
CAQ HVT D . -2.92 4.65 7.25
CAR HVT D . -1.80 4.17 6.59
CAM HVT D . -1.72 4.00 5.25
CAD HVT D . -0.46 3.50 4.71
CAE HVT D . 0.48 4.72 4.51
NAB HVT D . -0.04 5.59 3.44
CAJ HVT D . -0.61 6.84 3.69
OBL HVT D . -0.64 7.31 4.84
CAS HVT D . -1.12 7.55 2.58
CAU HVT D . -0.14 8.55 1.93
CAV HVT D . 1.06 8.93 2.75
CAW HVT D . 2.34 8.94 2.00
CAX HVT D . 3.30 10.00 2.54
CAY HVT D . 4.36 9.55 3.47
CBC HVT D . 4.88 10.79 4.11
CBB HVT D . 5.56 10.47 5.41
CBA HVT D . 4.51 10.34 6.55
CAZ HVT D . 5.21 10.46 7.94
CAT HVT D . 6.22 9.33 8.14
NAC HVT D . 5.47 8.05 8.19
C HVT D . 5.50 7.04 7.23
O HVT D . 6.23 7.14 6.25
CA HVT D . 4.72 5.83 7.50
CB HVT D . 5.48 4.80 8.34
CG2 HVT D . 6.83 4.45 7.72
CG1 HVT D . 5.69 5.29 9.80
N HVT D . 4.28 5.29 6.20
CAH HVT D . 3.26 5.89 5.44
OBJ HVT D . 2.68 6.85 5.98
CAG HVT D . 2.96 5.41 4.13
CAF HVT D . 1.91 4.27 4.18
OBM HVT D . 1.84 3.57 2.94
S DMS E . -4.48 1.32 1.01
O DMS E . -5.16 0.07 0.48
C1 DMS E . -4.42 2.40 -0.37
C2 DMS E . -5.55 2.24 2.02
S DMS F . -16.66 -5.76 2.57
O DMS F . -17.02 -4.55 1.73
C1 DMS F . -15.02 -5.82 3.01
C2 DMS F . -17.24 -5.63 4.19
C1 NAG G . 21.81 -3.65 -8.93
C2 NAG G . 23.04 -3.30 -9.76
C3 NAG G . 24.02 -4.47 -9.92
C4 NAG G . 24.37 -5.11 -8.59
C5 NAG G . 23.08 -5.54 -7.87
C6 NAG G . 23.36 -6.06 -6.44
C7 NAG G . 22.50 -1.62 -11.48
C8 NAG G . 21.87 -1.40 -12.80
N2 NAG G . 22.50 -2.88 -11.05
O3 NAG G . 25.23 -3.99 -10.50
O4 NAG G . 25.27 -6.20 -8.84
O5 NAG G . 22.15 -4.45 -7.78
O6 NAG G . 23.44 -4.99 -5.49
O7 NAG G . 23.01 -0.73 -10.82
CAN HVT H . -14.25 11.09 -2.55
CAO HVT H . -15.16 12.05 -3.05
CBF HVT H . -16.55 11.88 -2.97
CBG HVT H . -17.43 12.85 -3.46
CBH HVT H . -16.95 14.01 -4.05
CBI HVT H . -15.57 14.23 -4.16
CAP HVT H . -14.72 13.25 -3.64
CAQ HVT H . -13.39 13.47 -3.77
CAR HVT H . -12.48 12.55 -3.30
CAM HVT H . -12.87 11.37 -2.68
CAD HVT H . -11.81 10.53 -2.29
CAE HVT H . -11.20 10.88 -0.91
NAB HVT H . -10.91 12.33 -0.80
CAJ HVT H . -11.46 13.15 0.17
OBL HVT H . -12.16 12.61 1.02
CAS HVT H . -11.20 14.54 0.20
CAU HVT H . -12.47 15.33 0.63
CAV HVT H . -13.58 15.20 -0.43
CAW HVT H . -14.65 16.25 -0.20
CAX HVT H . -15.99 15.87 -0.87
CAY HVT H . -16.68 14.58 -0.32
CBC HVT H . -16.74 14.54 1.20
CBB HVT H . -17.54 13.33 1.70
CBA HVT H . -16.91 11.94 1.39
CAZ HVT H . -15.50 11.81 1.91
CAT HVT H . -14.99 10.38 1.84
NAC HVT H . -13.60 10.41 2.37
C HVT H . -13.06 9.58 3.37
O HVT H . -13.74 8.66 3.83
CA HVT H . -11.72 9.78 3.82
CB HVT H . -11.52 10.73 5.06
CG2 HVT H . -12.24 12.11 4.88
CG1 HVT H . -11.89 10.05 6.39
N HVT H . -10.77 10.32 2.78
CAH HVT H . -10.42 9.55 1.70
OBJ HVT H . -11.03 8.48 1.59
CAG HVT H . -9.44 10.03 0.79
CAF HVT H . -9.96 9.99 -0.67
OBM HVT H . -8.88 10.41 -1.53
S SO4 I . -4.07 1.81 -23.18
O1 SO4 I . -5.45 2.17 -23.61
O2 SO4 I . -3.06 2.72 -23.77
O3 SO4 I . -3.72 0.45 -23.68
O4 SO4 I . -4.07 1.87 -21.69
#